data_8G26
#
_entry.id   8G26
#
_cell.length_a   49.459
_cell.length_b   68.923
_cell.length_c   82.524
_cell.angle_alpha   90.00
_cell.angle_beta   102.38
_cell.angle_gamma   90.00
#
_symmetry.space_group_name_H-M   'P 1 21 1'
#
loop_
_entity.id
_entity.type
_entity.pdbx_description
1 polymer Cathepsin-G
2 polymer 'Neutrophil elastase'
3 polymer 'MAP domain-containing protein'
4 branched 2-acetamido-2-deoxy-beta-D-glucopyranose-(1-4)-2-acetamido-2-deoxy-beta-D-glucopyranose
5 non-polymer 2-acetamido-2-deoxy-beta-D-glucopyranose
6 water water
#
loop_
_entity_poly.entity_id
_entity_poly.type
_entity_poly.pdbx_seq_one_letter_code
_entity_poly.pdbx_strand_id
1 'polypeptide(L)'
;IIGGRESRPHSRPYMAYLQIQSPAGQSRCGGFLVREDFVLTAAHCWGSNINVTLGAHNIQRRENTQQHITARRAIRHPQY
NQRTIQNDIMLLQLSRRVRRNRNVNPVALPRAQEGLRPGTLCTVAGWGRVSMRRGTDTLREVQLRVQRDRQCLRIFGSYD
PRRQICVGDRRERKAAFKGDSGGPLLCNNVAHGIVSYGKSSGVPPEVFTRVSSFLPWIRTTMR
;
A
2 'polypeptide(L)'
;IVGGRRARPHAWPFMVSLQLRGGHFCGATLIAPNFVMSAAHCVANVNVRAVRVVLGAHNLSRREPTRQVFAVQRIFENGY
DPVNLLNDIVILQLNGSATINANVQVAQLPAQGRRLGNGVQCLAMGWGLLGRNRGIASVLQELNVTVVTSLCRRSNVCTL
VRGRQAGVCFGDSGSPLVCNGLIHGIASFVRGGCASGLYPDAFAPVAQFVNWIDSIIQ
;
B
3 'polypeptide(L)'
;GSTAEKDKLPATQKAKEMQNVPYTIAVDGIMAFNQSYLNLPKDSQLSYLDLGNKVKALLYDERGVTPEKIRNAKSAVYTI
TWKDGSKKEVDLKKDSYTANLFDSNSIKQIDINVKTK
;
C
#
# COMPACT_ATOMS: atom_id res chain seq x y z
N ILE A 1 16.38 -2.54 16.17
CA ILE A 1 16.77 -3.42 17.27
C ILE A 1 15.71 -3.33 18.37
N ILE A 2 15.08 -4.45 18.73
CA ILE A 2 14.08 -4.51 19.78
C ILE A 2 14.74 -4.95 21.08
N GLY A 3 14.51 -4.20 22.16
CA GLY A 3 14.97 -4.62 23.46
C GLY A 3 16.45 -4.46 23.71
N GLY A 4 17.14 -3.67 22.90
CA GLY A 4 18.55 -3.40 23.06
C GLY A 4 18.84 -2.09 23.76
N ARG A 5 20.05 -1.58 23.52
CA ARG A 5 20.56 -0.39 24.19
C ARG A 5 21.23 0.50 23.15
N GLU A 6 21.30 1.80 23.42
CA GLU A 6 22.03 2.65 22.49
C GLU A 6 23.49 2.24 22.50
N SER A 7 24.07 2.14 21.30
CA SER A 7 25.48 1.77 21.20
C SER A 7 26.36 2.91 21.68
N ARG A 8 27.53 2.57 22.16
CA ARG A 8 28.56 3.60 22.39
C ARG A 8 28.97 4.13 21.02
N PRO A 9 28.92 5.45 20.79
CA PRO A 9 29.25 5.94 19.44
C PRO A 9 30.62 5.44 19.03
N HIS A 10 30.70 4.96 17.80
CA HIS A 10 31.93 4.50 17.17
C HIS A 10 32.50 3.27 17.83
N SER A 11 31.75 2.61 18.71
CA SER A 11 32.15 1.33 19.26
C SER A 11 32.11 0.23 18.22
N ARG A 12 31.44 0.44 17.09
CA ARG A 12 31.26 -0.57 16.05
C ARG A 12 31.56 0.06 14.69
N PRO A 13 32.85 0.31 14.41
CA PRO A 13 33.22 1.14 13.26
C PRO A 13 33.13 0.45 11.91
N TYR A 14 32.77 -0.83 11.86
CA TYR A 14 32.46 -1.50 10.60
C TYR A 14 31.02 -1.25 10.15
N MET A 15 30.16 -0.72 11.01
CA MET A 15 28.76 -0.57 10.65
C MET A 15 28.56 0.39 9.49
N ALA A 16 27.69 0.02 8.57
CA ALA A 16 27.31 0.86 7.45
C ALA A 16 25.78 1.04 7.45
N TYR A 17 25.34 2.27 7.20
CA TYR A 17 23.92 2.58 6.98
C TYR A 17 23.68 2.71 5.49
N LEU A 18 22.70 1.97 4.98
CA LEU A 18 22.44 1.94 3.55
C LEU A 18 21.11 2.62 3.26
N GLN A 19 21.15 3.58 2.35
CA GLN A 19 19.96 4.18 1.77
C GLN A 19 19.83 3.74 0.32
N ILE A 20 18.75 3.03 0.01
CA ILE A 20 18.55 2.40 -1.28
C ILE A 20 17.36 3.08 -1.96
N GLN A 21 17.55 3.45 -3.22
CA GLN A 21 16.55 4.17 -3.99
C GLN A 21 16.36 3.50 -5.34
N SER A 22 15.10 3.35 -5.74
CA SER A 22 14.67 2.80 -7.01
C SER A 22 13.46 3.64 -7.45
N PRO A 23 13.13 3.63 -8.74
CA PRO A 23 11.99 4.46 -9.18
C PRO A 23 10.71 4.22 -8.40
N ALA A 24 10.44 2.98 -8.02
CA ALA A 24 9.18 2.67 -7.36
C ALA A 24 9.22 2.86 -5.86
N GLY A 25 10.39 3.08 -5.25
CA GLY A 25 10.43 3.16 -3.81
C GLY A 25 11.84 3.25 -3.28
N GLN A 26 11.94 3.06 -1.96
CA GLN A 26 13.17 3.19 -1.22
C GLN A 26 13.22 2.15 -0.13
N SER A 27 14.43 1.89 0.35
CA SER A 27 14.64 1.03 1.49
C SER A 27 15.82 1.55 2.30
N ARG A 28 15.83 1.15 3.57
CA ARG A 28 16.93 1.42 4.48
C ARG A 28 17.39 0.07 5.03
N CYS A 29 18.70 -0.13 5.05
CA CYS A 29 19.27 -1.37 5.55
C CYS A 29 20.54 -1.04 6.31
N GLY A 30 21.09 -2.04 6.98
CA GLY A 30 22.43 -1.97 7.52
C GLY A 30 23.39 -2.73 6.62
N GLY A 31 24.66 -2.71 7.01
CA GLY A 31 25.68 -3.47 6.31
C GLY A 31 26.96 -3.40 7.13
N PHE A 32 28.02 -4.04 6.64
CA PHE A 32 29.28 -3.95 7.38
C PHE A 32 30.47 -3.98 6.45
N LEU A 33 31.43 -3.11 6.72
CA LEU A 33 32.66 -3.03 5.94
C LEU A 33 33.50 -4.29 6.14
N VAL A 34 33.92 -4.92 5.04
CA VAL A 34 34.77 -6.10 5.13
C VAL A 34 36.13 -5.89 4.51
N ARG A 35 36.30 -4.82 3.76
CA ARG A 35 37.58 -4.42 3.19
C ARG A 35 37.43 -2.94 2.90
N GLU A 36 38.54 -2.25 2.70
CA GLU A 36 38.41 -0.81 2.54
C GLU A 36 37.50 -0.44 1.36
N ASP A 37 37.27 -1.36 0.41
CA ASP A 37 36.45 -1.06 -0.75
C ASP A 37 35.19 -1.92 -0.86
N PHE A 38 34.83 -2.70 0.15
CA PHE A 38 33.65 -3.55 0.03
C PHE A 38 32.85 -3.56 1.32
N VAL A 39 31.52 -3.54 1.17
CA VAL A 39 30.57 -3.69 2.26
C VAL A 39 29.74 -4.95 1.98
N LEU A 40 29.52 -5.75 3.00
CA LEU A 40 28.65 -6.91 2.93
C LEU A 40 27.27 -6.55 3.47
N THR A 41 26.22 -7.10 2.86
CA THR A 41 24.86 -6.80 3.30
C THR A 41 23.93 -7.92 2.78
N ALA A 42 22.62 -7.74 2.92
CA ALA A 42 21.65 -8.74 2.45
C ALA A 42 21.24 -8.45 1.01
N ALA A 43 20.97 -9.52 0.23
CA ALA A 43 20.57 -9.31 -1.16
C ALA A 43 19.19 -8.67 -1.29
N HIS A 44 18.32 -8.85 -0.31
CA HIS A 44 16.99 -8.26 -0.45
C HIS A 44 17.02 -6.74 -0.25
N CYS A 45 18.17 -6.19 0.12
CA CYS A 45 18.38 -4.75 0.22
C CYS A 45 18.78 -4.12 -1.12
N TRP A 46 18.87 -4.91 -2.18
CA TRP A 46 19.34 -4.41 -3.47
C TRP A 46 18.39 -3.37 -4.03
N GLY A 47 18.95 -2.44 -4.81
CA GLY A 47 18.12 -1.43 -5.47
C GLY A 47 18.96 -0.72 -6.51
N SER A 48 18.34 0.24 -7.19
CA SER A 48 19.00 0.86 -8.34
C SER A 48 20.19 1.74 -7.93
N ASN A 49 20.06 2.45 -6.81
CA ASN A 49 21.15 3.30 -6.32
C ASN A 49 21.29 3.11 -4.83
N ILE A 50 22.51 2.94 -4.35
CA ILE A 50 22.79 2.67 -2.94
C ILE A 50 23.80 3.70 -2.44
N ASN A 51 23.42 4.44 -1.41
CA ASN A 51 24.32 5.33 -0.66
C ASN A 51 24.73 4.65 0.63
N VAL A 52 26.03 4.56 0.87
CA VAL A 52 26.60 3.93 2.06
C VAL A 52 27.15 5.03 2.97
N THR A 53 26.75 5.01 4.23
CA THR A 53 27.31 5.91 5.24
C THR A 53 28.09 5.09 6.24
N LEU A 54 29.41 5.36 6.30
CA LEU A 54 30.30 4.79 7.29
C LEU A 54 30.62 5.81 8.37
N GLY A 55 31.01 5.31 9.54
CA GLY A 55 31.49 6.19 10.60
C GLY A 55 30.41 6.94 11.35
N ALA A 56 29.17 6.47 11.28
CA ALA A 56 28.02 7.19 11.80
C ALA A 56 27.60 6.67 13.17
N HIS A 57 27.04 7.57 13.98
CA HIS A 57 26.23 7.18 15.13
C HIS A 57 24.80 7.67 14.97
N ASN A 58 24.60 8.98 14.85
CA ASN A 58 23.28 9.57 14.61
C ASN A 58 23.18 9.83 13.11
N ILE A 59 22.40 8.99 12.42
CA ILE A 59 22.26 9.14 10.97
C ILE A 59 21.34 10.28 10.58
N GLN A 60 20.69 10.93 11.54
CA GLN A 60 19.92 12.13 11.26
C GLN A 60 20.75 13.40 11.34
N ARG A 61 22.02 13.30 11.74
CA ARG A 61 22.92 14.44 11.80
C ARG A 61 24.08 14.23 10.83
N ARG A 62 24.59 15.34 10.30
CA ARG A 62 25.76 15.30 9.41
C ARG A 62 27.03 15.40 10.25
N GLU A 63 27.31 14.33 10.97
CA GLU A 63 28.52 14.23 11.79
C GLU A 63 29.76 14.25 10.88
N ASN A 64 30.86 14.76 11.41
CA ASN A 64 32.07 14.89 10.62
C ASN A 64 32.91 13.62 10.57
N THR A 65 32.61 12.65 11.43
CA THR A 65 33.19 11.32 11.31
C THR A 65 32.63 10.56 10.12
N GLN A 66 31.51 10.98 9.56
CA GLN A 66 30.83 10.19 8.52
C GLN A 66 31.57 10.27 7.19
N GLN A 67 31.59 9.14 6.49
CA GLN A 67 32.09 9.05 5.12
C GLN A 67 30.97 8.50 4.26
N HIS A 68 30.60 9.24 3.22
CA HIS A 68 29.49 8.88 2.35
C HIS A 68 30.03 8.46 1.00
N ILE A 69 29.62 7.27 0.56
CA ILE A 69 30.15 6.67 -0.66
C ILE A 69 29.02 5.97 -1.39
N THR A 70 28.95 6.10 -2.69
CA THR A 70 27.96 5.33 -3.44
C THR A 70 28.52 3.96 -3.79
N ALA A 71 27.63 2.99 -3.92
CA ALA A 71 28.01 1.66 -4.38
C ALA A 71 28.21 1.72 -5.89
N ARG A 72 29.45 1.53 -6.33
CA ARG A 72 29.74 1.42 -7.76
C ARG A 72 29.13 0.13 -8.32
N ARG A 73 29.20 -0.97 -7.55
CA ARG A 73 28.54 -2.21 -7.94
C ARG A 73 27.80 -2.79 -6.74
N ALA A 74 26.68 -3.45 -7.03
CA ALA A 74 25.83 -4.10 -6.01
C ALA A 74 25.57 -5.52 -6.52
N ILE A 75 26.30 -6.48 -5.97
CA ILE A 75 26.45 -7.82 -6.52
C ILE A 75 25.65 -8.76 -5.64
N ARG A 76 24.41 -9.04 -6.04
CA ARG A 76 23.59 -10.05 -5.36
C ARG A 76 24.14 -11.43 -5.68
N HIS A 77 24.12 -12.33 -4.71
CA HIS A 77 24.49 -13.71 -4.97
C HIS A 77 23.72 -14.19 -6.20
N PRO A 78 24.38 -14.87 -7.16
CA PRO A 78 23.68 -15.27 -8.40
C PRO A 78 22.51 -16.24 -8.19
N GLN A 79 22.43 -16.93 -7.05
CA GLN A 79 21.31 -17.83 -6.78
C GLN A 79 20.42 -17.35 -5.63
N TYR A 80 20.52 -16.07 -5.28
CA TYR A 80 19.57 -15.43 -4.38
C TYR A 80 18.16 -15.84 -4.75
N ASN A 81 17.40 -16.29 -3.75
CA ASN A 81 16.00 -16.73 -3.92
C ASN A 81 15.08 -15.74 -3.20
N GLN A 82 14.42 -14.87 -3.97
CA GLN A 82 13.55 -13.85 -3.36
C GLN A 82 12.30 -14.44 -2.74
N ARG A 83 11.88 -15.62 -3.19
CA ARG A 83 10.66 -16.21 -2.68
C ARG A 83 10.81 -16.70 -1.25
N THR A 84 11.91 -17.42 -0.96
CA THR A 84 12.19 -18.02 0.34
C THR A 84 13.21 -17.24 1.15
N ILE A 85 13.85 -16.25 0.53
CA ILE A 85 14.92 -15.45 1.10
C ILE A 85 16.09 -16.37 1.46
N GLN A 86 16.61 -17.05 0.45
CA GLN A 86 17.77 -17.94 0.57
C GLN A 86 18.92 -17.37 -0.25
N ASN A 87 20.15 -17.74 0.13
CA ASN A 87 21.34 -17.16 -0.48
C ASN A 87 21.27 -15.64 -0.44
N ASP A 88 20.90 -15.12 0.73
CA ASP A 88 20.54 -13.72 0.90
C ASP A 88 21.80 -12.93 1.29
N ILE A 89 22.68 -12.76 0.31
CA ILE A 89 23.95 -12.10 0.56
C ILE A 89 24.30 -11.24 -0.64
N MET A 90 24.89 -10.07 -0.36
CA MET A 90 25.22 -9.12 -1.40
C MET A 90 26.48 -8.37 -1.03
N LEU A 91 27.34 -8.16 -2.02
CA LEU A 91 28.56 -7.38 -1.85
C LEU A 91 28.39 -6.04 -2.57
N LEU A 92 28.77 -4.95 -1.90
CA LEU A 92 28.78 -3.63 -2.49
C LEU A 92 30.22 -3.22 -2.70
N GLN A 93 30.61 -3.05 -3.96
CA GLN A 93 31.88 -2.40 -4.26
C GLN A 93 31.69 -0.90 -4.20
N LEU A 94 32.41 -0.26 -3.27
CA LEU A 94 32.34 1.16 -3.04
C LEU A 94 33.03 1.91 -4.17
N SER A 95 32.54 3.13 -4.45
CA SER A 95 33.10 3.89 -5.56
C SER A 95 34.48 4.46 -5.22
N ARG A 96 34.79 4.62 -3.94
CA ARG A 96 36.15 4.95 -3.50
C ARG A 96 36.47 4.07 -2.29
N ARG A 97 37.77 3.89 -2.05
CA ARG A 97 38.26 3.24 -0.84
C ARG A 97 37.97 4.12 0.38
N VAL A 98 37.54 3.50 1.48
CA VAL A 98 37.32 4.29 2.70
C VAL A 98 38.67 4.79 3.22
N ARG A 99 38.60 5.82 4.05
CA ARG A 99 39.75 6.30 4.81
C ARG A 99 39.71 5.61 6.16
N ARG A 100 40.59 4.63 6.36
CA ARG A 100 40.54 3.83 7.58
C ARG A 100 41.03 4.64 8.76
N ASN A 101 40.28 4.59 9.86
CA ASN A 101 40.66 5.29 11.08
C ASN A 101 39.99 4.60 12.26
N ARG A 102 40.01 5.25 13.42
CA ARG A 102 39.36 4.67 14.59
C ARG A 102 37.88 4.42 14.33
N ASN A 103 37.22 5.34 13.63
CA ASN A 103 35.77 5.30 13.46
C ASN A 103 35.32 4.50 12.25
N VAL A 104 36.23 4.13 11.34
CA VAL A 104 35.88 3.39 10.13
C VAL A 104 36.96 2.35 9.90
N ASN A 105 36.65 1.07 10.12
CA ASN A 105 37.59 0.00 9.79
C ASN A 105 36.84 -1.31 9.65
N PRO A 106 37.35 -2.23 8.84
CA PRO A 106 36.61 -3.46 8.52
C PRO A 106 36.56 -4.42 9.69
N VAL A 107 35.68 -5.41 9.57
CA VAL A 107 35.54 -6.48 10.55
C VAL A 107 35.90 -7.81 9.92
N ALA A 108 36.50 -8.69 10.74
CA ALA A 108 36.97 -9.97 10.25
C ALA A 108 35.80 -10.90 9.92
N LEU A 109 36.01 -11.73 8.89
CA LEU A 109 35.10 -12.80 8.52
C LEU A 109 35.54 -14.12 9.13
N PRO A 110 34.63 -15.09 9.24
CA PRO A 110 34.99 -16.38 9.84
C PRO A 110 35.85 -17.21 8.91
N ARG A 111 36.39 -18.28 9.49
CA ARG A 111 37.12 -19.26 8.70
C ARG A 111 36.17 -20.17 7.95
N ALA A 112 36.69 -20.79 6.91
CA ALA A 112 35.90 -21.66 6.04
C ALA A 112 35.03 -22.61 6.85
N GLN A 113 33.75 -22.67 6.50
CA GLN A 113 32.79 -23.57 7.13
C GLN A 113 32.87 -23.55 8.65
N GLU A 114 33.35 -22.44 9.21
CA GLU A 114 33.36 -22.29 10.66
C GLU A 114 31.94 -22.39 11.21
N GLY A 115 31.80 -23.10 12.33
CA GLY A 115 30.52 -23.33 12.94
C GLY A 115 30.34 -22.56 14.24
N LEU A 116 29.09 -22.52 14.67
CA LEU A 116 28.68 -21.77 15.85
C LEU A 116 27.81 -22.70 16.69
N ARG A 117 28.23 -22.94 17.90
CA ARG A 117 27.48 -23.83 18.75
C ARG A 117 26.26 -23.13 19.35
N PRO A 118 25.16 -23.85 19.52
CA PRO A 118 24.00 -23.28 20.23
C PRO A 118 24.39 -22.79 21.62
N GLY A 119 23.85 -21.63 21.99
CA GLY A 119 24.15 -20.96 23.22
C GLY A 119 25.18 -19.86 23.10
N THR A 120 25.94 -19.85 22.02
CA THR A 120 26.95 -18.83 21.80
C THR A 120 26.33 -17.43 21.83
N LEU A 121 26.95 -16.53 22.60
CA LEU A 121 26.46 -15.16 22.69
C LEU A 121 27.01 -14.33 21.55
N CYS A 122 26.15 -13.56 20.89
CA CYS A 122 26.52 -12.69 19.78
C CYS A 122 25.89 -11.32 19.98
N THR A 123 26.41 -10.33 19.26
CA THR A 123 25.83 -8.99 19.26
C THR A 123 25.37 -8.63 17.85
N VAL A 124 24.19 -8.03 17.78
CA VAL A 124 23.66 -7.49 16.55
C VAL A 124 23.33 -6.03 16.77
N ALA A 125 23.65 -5.20 15.77
CA ALA A 125 23.56 -3.77 15.84
C ALA A 125 22.87 -3.23 14.61
N GLY A 126 22.20 -2.11 14.75
CA GLY A 126 21.65 -1.40 13.61
C GLY A 126 20.77 -0.23 14.00
N TRP A 127 20.21 0.38 12.94
CA TRP A 127 19.36 1.56 13.05
C TRP A 127 17.89 1.25 12.80
N GLY A 128 17.48 0.00 12.95
CA GLY A 128 16.11 -0.40 12.66
C GLY A 128 15.13 0.08 13.73
N ARG A 129 13.86 -0.20 13.46
CA ARG A 129 12.81 0.18 14.42
C ARG A 129 13.00 -0.56 15.73
N VAL A 130 12.56 0.06 16.83
CA VAL A 130 12.67 -0.55 18.15
C VAL A 130 11.35 -1.11 18.63
N SER A 131 10.26 -0.87 17.92
CA SER A 131 8.93 -1.35 18.28
C SER A 131 8.04 -1.19 17.04
N MET A 132 6.75 -1.46 17.21
CA MET A 132 5.81 -1.20 16.12
C MET A 132 5.53 0.29 15.95
N ARG A 133 5.81 1.10 16.98
CA ARG A 133 5.48 2.53 16.93
C ARG A 133 6.66 3.47 16.75
N ARG A 134 7.89 3.01 16.98
CA ARG A 134 9.01 3.95 17.05
C ARG A 134 10.25 3.40 16.36
N GLY A 135 11.07 4.33 15.89
CA GLY A 135 12.36 4.00 15.34
C GLY A 135 13.47 4.62 16.17
N THR A 136 14.65 4.78 15.56
CA THR A 136 15.81 5.35 16.24
C THR A 136 16.62 6.16 15.24
N ASP A 137 17.15 7.28 15.69
CA ASP A 137 18.15 8.02 14.93
C ASP A 137 19.57 7.50 15.15
N THR A 138 19.83 6.85 16.30
CA THR A 138 21.16 6.45 16.71
C THR A 138 21.33 4.93 16.68
N LEU A 139 22.58 4.49 16.51
CA LEU A 139 22.88 3.07 16.45
C LEU A 139 22.57 2.37 17.77
N ARG A 140 21.93 1.20 17.66
CA ARG A 140 21.53 0.42 18.83
C ARG A 140 22.08 -1.00 18.68
N GLU A 141 22.12 -1.73 19.80
CA GLU A 141 22.63 -3.09 19.76
C GLU A 141 21.97 -3.94 20.83
N VAL A 142 21.96 -5.26 20.58
CA VAL A 142 21.34 -6.23 21.47
C VAL A 142 22.15 -7.51 21.42
N GLN A 143 22.27 -8.20 22.57
CA GLN A 143 22.96 -9.49 22.63
C GLN A 143 21.94 -10.62 22.45
N LEU A 144 22.26 -11.55 21.56
CA LEU A 144 21.38 -12.66 21.19
C LEU A 144 22.17 -13.96 21.24
N ARG A 145 21.47 -15.07 21.44
CA ARG A 145 22.09 -16.39 21.48
C ARG A 145 21.79 -17.21 20.22
N VAL A 146 22.82 -17.86 19.68
CA VAL A 146 22.62 -18.84 18.62
C VAL A 146 21.76 -19.99 19.15
N GLN A 147 20.85 -20.48 18.31
CA GLN A 147 19.97 -21.56 18.68
C GLN A 147 20.29 -22.83 17.90
N ARG A 148 19.87 -23.97 18.47
CA ARG A 148 19.76 -25.22 17.73
C ARG A 148 18.85 -25.01 16.53
N ASP A 149 19.21 -25.63 15.41
CA ASP A 149 18.48 -25.39 14.16
C ASP A 149 17.00 -25.75 14.27
N ARG A 150 16.65 -26.73 15.09
CA ARG A 150 15.25 -27.18 15.15
C ARG A 150 14.34 -26.04 15.57
N GLN A 151 14.82 -25.11 16.41
CA GLN A 151 13.98 -23.97 16.81
C GLN A 151 13.47 -23.19 15.60
N CYS A 152 14.26 -23.09 14.53
CA CYS A 152 13.80 -22.35 13.34
C CYS A 152 13.14 -23.27 12.33
N LEU A 153 13.50 -24.55 12.32
CA LEU A 153 13.10 -25.38 11.19
C LEU A 153 11.60 -25.59 11.16
N ARG A 154 10.95 -25.63 12.32
CA ARG A 154 9.49 -25.79 12.34
C ARG A 154 8.76 -24.49 11.99
N ILE A 155 9.33 -23.33 12.29
CA ILE A 155 8.66 -22.05 12.07
C ILE A 155 8.85 -21.55 10.64
N PHE A 156 10.04 -21.74 10.09
CA PHE A 156 10.45 -21.19 8.80
C PHE A 156 10.71 -22.38 7.89
N GLY A 157 9.73 -22.75 7.08
CA GLY A 157 9.81 -23.99 6.32
C GLY A 157 10.89 -24.05 5.27
N SER A 158 11.50 -22.93 4.94
CA SER A 158 12.61 -22.86 3.99
C SER A 158 13.96 -22.66 4.67
N TYR A 159 14.03 -22.70 5.99
CA TYR A 159 15.28 -22.57 6.70
C TYR A 159 16.22 -23.71 6.34
N ASP A 160 17.48 -23.38 6.06
CA ASP A 160 18.49 -24.38 5.66
C ASP A 160 19.71 -24.17 6.55
N PRO A 161 19.98 -25.06 7.50
CA PRO A 161 21.11 -24.82 8.42
C PRO A 161 22.46 -24.79 7.74
N ARG A 162 22.59 -25.33 6.53
CA ARG A 162 23.86 -25.27 5.82
C ARG A 162 24.18 -23.85 5.36
N ARG A 163 23.17 -22.99 5.24
CA ARG A 163 23.38 -21.64 4.73
C ARG A 163 22.88 -20.56 5.68
N GLN A 164 22.23 -20.91 6.78
CA GLN A 164 21.59 -19.95 7.67
C GLN A 164 21.83 -20.33 9.12
N ILE A 165 21.65 -19.32 9.98
CA ILE A 165 21.84 -19.43 11.40
C ILE A 165 20.53 -19.05 12.06
N CYS A 166 20.13 -19.81 13.07
CA CYS A 166 18.93 -19.54 13.85
C CYS A 166 19.32 -18.80 15.12
N VAL A 167 18.69 -17.65 15.37
CA VAL A 167 19.15 -16.78 16.45
C VAL A 167 18.00 -16.26 17.30
N GLY A 168 18.18 -16.29 18.61
CA GLY A 168 17.21 -15.58 19.45
C GLY A 168 16.33 -16.55 20.22
N ASP A 169 16.09 -16.21 21.50
CA ASP A 169 15.28 -17.05 22.40
C ASP A 169 13.83 -16.59 22.32
N ARG A 170 12.92 -17.54 22.06
CA ARG A 170 11.53 -17.22 21.79
C ARG A 170 10.85 -16.48 22.93
N ARG A 171 11.33 -16.63 24.18
CA ARG A 171 10.66 -15.99 25.29
C ARG A 171 11.03 -14.53 25.51
N GLU A 172 12.10 -14.06 24.88
CA GLU A 172 12.62 -12.73 25.07
C GLU A 172 12.04 -11.76 24.04
N ARG A 173 11.93 -10.50 24.45
CA ARG A 173 11.67 -9.42 23.50
C ARG A 173 12.99 -8.72 23.20
N LYS A 174 13.80 -9.44 22.43
CA LYS A 174 15.14 -9.02 22.04
C LYS A 174 15.30 -9.60 20.65
N ALA A 175 15.49 -8.75 19.65
CA ALA A 175 15.59 -9.23 18.28
C ALA A 175 16.07 -8.10 17.39
N ALA A 176 16.59 -8.48 16.23
CA ALA A 176 16.69 -7.53 15.13
C ALA A 176 15.29 -7.32 14.54
N PHE A 177 15.10 -6.20 13.86
CA PHE A 177 13.77 -5.90 13.33
C PHE A 177 13.93 -5.02 12.08
N LYS A 178 12.84 -4.40 11.67
CA LYS A 178 12.79 -3.71 10.39
C LYS A 178 13.82 -2.58 10.31
N GLY A 179 14.62 -2.61 9.25
CA GLY A 179 15.73 -1.69 9.09
C GLY A 179 17.08 -2.26 9.51
N ASP A 180 17.09 -3.39 10.20
CA ASP A 180 18.34 -4.03 10.63
C ASP A 180 18.91 -5.03 9.64
N SER A 181 18.17 -5.40 8.59
CA SER A 181 18.68 -6.32 7.59
C SER A 181 20.04 -5.86 7.09
N GLY A 182 20.91 -6.82 6.82
CA GLY A 182 22.23 -6.53 6.30
C GLY A 182 23.28 -6.33 7.35
N GLY A 183 22.90 -6.05 8.60
CA GLY A 183 23.83 -5.86 9.67
C GLY A 183 24.43 -7.17 10.13
N PRO A 184 25.55 -7.12 10.84
CA PRO A 184 26.28 -8.34 11.17
C PRO A 184 25.86 -8.96 12.48
N LEU A 185 25.95 -10.29 12.50
CA LEU A 185 25.96 -11.06 13.75
C LEU A 185 27.40 -11.21 14.16
N LEU A 186 27.79 -10.52 15.23
CA LEU A 186 29.14 -10.54 15.72
C LEU A 186 29.25 -11.52 16.86
N CYS A 187 30.08 -12.54 16.69
CA CYS A 187 30.38 -13.49 17.75
C CYS A 187 31.90 -13.50 17.89
N ASN A 188 32.37 -13.30 19.11
CA ASN A 188 33.79 -13.27 19.40
C ASN A 188 34.54 -12.35 18.44
N ASN A 189 33.92 -11.21 18.11
CA ASN A 189 34.53 -10.15 17.33
C ASN A 189 34.70 -10.51 15.85
N VAL A 190 33.95 -11.52 15.39
CA VAL A 190 33.96 -11.92 13.98
C VAL A 190 32.54 -11.88 13.46
N ALA A 191 32.39 -11.55 12.19
CA ALA A 191 31.07 -11.42 11.58
C ALA A 191 30.64 -12.77 11.00
N HIS A 192 29.82 -13.51 11.76
CA HIS A 192 29.35 -14.84 11.37
C HIS A 192 28.04 -14.84 10.60
N GLY A 193 27.21 -13.80 10.77
CA GLY A 193 25.89 -13.79 10.18
C GLY A 193 25.54 -12.42 9.62
N ILE A 194 24.49 -12.41 8.83
CA ILE A 194 23.89 -11.21 8.25
C ILE A 194 22.40 -11.21 8.59
N VAL A 195 21.89 -10.11 9.15
CA VAL A 195 20.46 -10.07 9.48
C VAL A 195 19.65 -10.28 8.21
N SER A 196 18.73 -11.26 8.23
CA SER A 196 17.95 -11.53 7.02
C SER A 196 16.44 -11.43 7.21
N TYR A 197 15.83 -12.28 8.05
CA TYR A 197 14.37 -12.25 8.11
C TYR A 197 13.85 -12.84 9.43
N GLY A 198 12.58 -12.60 9.67
CA GLY A 198 11.90 -13.19 10.80
C GLY A 198 10.40 -13.06 10.65
N LYS A 199 9.72 -13.08 11.81
CA LYS A 199 8.27 -12.92 11.84
C LYS A 199 7.87 -11.46 11.82
N SER A 200 6.69 -11.19 11.22
CA SER A 200 6.19 -9.81 11.18
C SER A 200 6.07 -9.23 12.58
N SER A 201 5.77 -10.07 13.56
CA SER A 201 5.66 -9.64 14.95
C SER A 201 6.99 -9.22 15.56
N GLY A 202 8.11 -9.66 15.00
CA GLY A 202 9.41 -9.46 15.64
C GLY A 202 9.74 -10.42 16.77
N VAL A 203 8.88 -11.38 17.05
CA VAL A 203 9.17 -12.36 18.11
C VAL A 203 10.27 -13.30 17.64
N PRO A 204 11.24 -13.67 18.48
CA PRO A 204 12.29 -14.61 18.08
C PRO A 204 11.75 -16.03 18.04
N PRO A 205 12.48 -16.95 17.39
CA PRO A 205 13.78 -16.78 16.71
C PRO A 205 13.68 -16.13 15.33
N GLU A 206 14.83 -15.69 14.83
CA GLU A 206 14.97 -15.06 13.52
C GLU A 206 16.12 -15.73 12.78
N VAL A 207 16.18 -15.49 11.48
CA VAL A 207 17.13 -16.15 10.59
C VAL A 207 18.15 -15.16 10.06
N PHE A 208 19.41 -15.61 10.05
CA PHE A 208 20.60 -14.87 9.61
C PHE A 208 21.27 -15.69 8.53
N THR A 209 21.81 -15.03 7.50
CA THR A 209 22.64 -15.71 6.52
C THR A 209 23.95 -16.12 7.19
N ARG A 210 24.41 -17.36 6.91
CA ARG A 210 25.62 -17.89 7.52
C ARG A 210 26.82 -17.53 6.65
N VAL A 211 27.64 -16.58 7.10
CA VAL A 211 28.66 -16.02 6.23
C VAL A 211 29.65 -17.09 5.79
N SER A 212 29.99 -18.01 6.68
CA SER A 212 31.03 -19.01 6.38
C SER A 212 30.66 -19.92 5.23
N SER A 213 29.38 -20.07 4.91
CA SER A 213 28.93 -20.87 3.77
C SER A 213 29.17 -20.21 2.43
N PHE A 214 29.52 -18.92 2.41
CA PHE A 214 29.67 -18.17 1.17
C PHE A 214 31.06 -17.58 1.00
N LEU A 215 32.05 -18.06 1.74
CA LEU A 215 33.38 -17.46 1.62
C LEU A 215 33.96 -17.60 0.23
N PRO A 216 33.91 -18.76 -0.42
CA PRO A 216 34.48 -18.83 -1.78
C PRO A 216 33.92 -17.75 -2.68
N TRP A 217 32.59 -17.66 -2.76
CA TRP A 217 31.94 -16.61 -3.56
C TRP A 217 32.42 -15.23 -3.10
N ILE A 218 32.45 -15.01 -1.79
CA ILE A 218 32.90 -13.71 -1.32
C ILE A 218 34.29 -13.42 -1.85
N ARG A 219 35.20 -14.39 -1.67
CA ARG A 219 36.58 -14.14 -2.05
C ARG A 219 36.64 -13.89 -3.55
N THR A 220 35.95 -14.73 -4.32
CA THR A 220 36.01 -14.60 -5.76
C THR A 220 35.47 -13.26 -6.21
N THR A 221 34.39 -12.81 -5.58
CA THR A 221 33.79 -11.56 -6.01
C THR A 221 34.71 -10.40 -5.71
N MET A 222 35.43 -10.45 -4.61
CA MET A 222 36.21 -9.28 -4.23
C MET A 222 37.51 -9.20 -5.00
N ARG A 223 37.95 -10.31 -5.59
CA ARG A 223 39.12 -10.35 -6.46
C ARG A 223 38.71 -10.14 -7.91
N ILE B 1 -16.62 8.26 -16.30
CA ILE B 1 -17.42 7.57 -17.31
C ILE B 1 -16.55 7.41 -18.55
N VAL B 2 -16.45 6.17 -19.04
CA VAL B 2 -15.65 5.85 -20.23
C VAL B 2 -16.61 5.67 -21.40
N GLY B 3 -16.31 6.35 -22.51
CA GLY B 3 -17.10 6.18 -23.71
C GLY B 3 -18.45 6.85 -23.67
N GLY B 4 -18.63 7.83 -22.78
CA GLY B 4 -19.86 8.58 -22.69
C GLY B 4 -19.80 9.86 -23.51
N ARG B 5 -20.61 10.82 -23.10
CA ARG B 5 -20.72 12.10 -23.81
C ARG B 5 -20.85 13.23 -22.81
N ARG B 6 -20.38 14.41 -23.22
CA ARG B 6 -20.44 15.58 -22.37
C ARG B 6 -21.89 15.96 -22.14
N ALA B 7 -22.30 16.01 -20.88
CA ALA B 7 -23.68 16.36 -20.58
C ALA B 7 -23.96 17.79 -21.03
N ARG B 8 -25.23 18.08 -21.31
CA ARG B 8 -25.62 19.45 -21.59
C ARG B 8 -25.52 20.27 -20.31
N PRO B 9 -25.09 21.53 -20.39
CA PRO B 9 -24.90 22.32 -19.16
C PRO B 9 -26.12 22.30 -18.25
N HIS B 10 -25.94 21.78 -17.02
CA HIS B 10 -27.00 21.77 -16.01
C HIS B 10 -28.18 20.91 -16.43
N ALA B 11 -27.92 19.93 -17.30
CA ALA B 11 -28.98 18.99 -17.70
C ALA B 11 -29.52 18.23 -16.51
N TRP B 12 -28.68 17.93 -15.52
CA TRP B 12 -29.02 17.11 -14.36
C TRP B 12 -28.70 17.92 -13.12
N PRO B 13 -29.57 18.88 -12.76
CA PRO B 13 -29.29 19.77 -11.62
C PRO B 13 -29.36 19.10 -10.27
N PHE B 14 -29.62 17.79 -10.20
CA PHE B 14 -29.54 17.03 -8.98
C PHE B 14 -28.18 16.36 -8.79
N MET B 15 -27.24 16.56 -9.72
CA MET B 15 -25.92 15.93 -9.66
C MET B 15 -24.99 16.70 -8.73
N VAL B 16 -24.20 15.96 -7.94
CA VAL B 16 -23.36 16.56 -6.91
C VAL B 16 -21.93 16.06 -7.09
N SER B 17 -20.97 16.95 -6.82
CA SER B 17 -19.55 16.58 -6.75
C SER B 17 -19.12 16.64 -5.29
N LEU B 18 -18.58 15.55 -4.76
CA LEU B 18 -17.98 15.56 -3.43
C LEU B 18 -16.47 15.75 -3.60
N GLN B 19 -15.92 16.74 -2.91
CA GLN B 19 -14.55 17.15 -3.10
C GLN B 19 -13.81 17.16 -1.78
N LEU B 20 -12.52 16.86 -1.85
CA LEU B 20 -11.68 16.83 -0.66
C LEU B 20 -10.30 17.34 -1.05
N ARG B 21 -9.83 18.38 -0.35
CA ARG B 21 -8.53 18.98 -0.66
C ARG B 21 -8.46 19.39 -2.13
N GLY B 22 -9.57 19.93 -2.64
CA GLY B 22 -9.63 20.33 -4.03
C GLY B 22 -9.70 19.20 -5.03
N GLY B 23 -10.18 18.03 -4.61
CA GLY B 23 -10.27 16.88 -5.50
C GLY B 23 -11.61 16.17 -5.46
N HIS B 24 -12.26 16.05 -6.62
CA HIS B 24 -13.50 15.27 -6.75
C HIS B 24 -13.16 13.80 -6.54
N PHE B 25 -13.66 13.20 -5.45
CA PHE B 25 -13.44 11.78 -5.23
C PHE B 25 -14.68 10.93 -5.49
N CYS B 26 -15.88 11.51 -5.39
CA CYS B 26 -17.10 10.78 -5.65
C CYS B 26 -18.20 11.73 -6.13
N GLY B 27 -19.24 11.13 -6.69
CA GLY B 27 -20.45 11.85 -7.02
C GLY B 27 -21.53 11.62 -5.97
N ALA B 28 -22.61 12.40 -6.10
CA ALA B 28 -23.71 12.28 -5.16
C ALA B 28 -24.96 12.82 -5.83
N THR B 29 -26.10 12.71 -5.12
CA THR B 29 -27.37 13.16 -5.64
C THR B 29 -28.12 13.99 -4.62
N LEU B 30 -28.59 15.17 -5.03
CA LEU B 30 -29.41 16.01 -4.17
C LEU B 30 -30.80 15.39 -4.06
N ILE B 31 -31.15 14.87 -2.88
CA ILE B 31 -32.44 14.20 -2.69
C ILE B 31 -33.41 15.05 -1.89
N ALA B 32 -32.95 16.14 -1.30
CA ALA B 32 -33.71 17.04 -0.43
C ALA B 32 -32.84 18.28 -0.24
N PRO B 33 -33.43 19.47 -0.08
CA PRO B 33 -32.62 20.68 -0.01
C PRO B 33 -31.41 20.61 0.92
N ASN B 34 -31.46 19.72 1.93
CA ASN B 34 -30.37 19.63 2.90
C ASN B 34 -29.80 18.22 3.02
N PHE B 35 -30.14 17.32 2.09
CA PHE B 35 -29.61 15.96 2.10
C PHE B 35 -29.14 15.55 0.70
N VAL B 36 -27.93 14.99 0.65
CA VAL B 36 -27.40 14.37 -0.55
C VAL B 36 -27.21 12.88 -0.25
N MET B 37 -27.15 12.09 -1.32
CA MET B 37 -27.09 10.63 -1.23
C MET B 37 -25.91 10.14 -2.04
N SER B 38 -25.10 9.27 -1.45
CA SER B 38 -23.89 8.79 -2.09
C SER B 38 -23.69 7.32 -1.74
N ALA B 39 -22.50 6.79 -2.07
CA ALA B 39 -22.12 5.42 -1.74
C ALA B 39 -21.33 5.40 -0.44
N ALA B 40 -21.59 4.37 0.38
CA ALA B 40 -21.00 4.33 1.72
C ALA B 40 -19.48 4.21 1.67
N HIS B 41 -18.96 3.47 0.70
CA HIS B 41 -17.51 3.33 0.59
C HIS B 41 -16.85 4.67 0.28
N CYS B 42 -17.61 5.67 -0.18
CA CYS B 42 -17.01 6.96 -0.49
C CYS B 42 -16.61 7.75 0.74
N VAL B 43 -17.14 7.39 1.92
CA VAL B 43 -16.88 8.14 3.15
C VAL B 43 -16.36 7.27 4.28
N ALA B 44 -16.22 5.96 4.07
CA ALA B 44 -15.86 5.04 5.15
C ALA B 44 -14.43 5.23 5.64
N ASN B 45 -13.54 5.79 4.82
CA ASN B 45 -12.13 5.91 5.19
C ASN B 45 -11.62 7.35 5.06
N VAL B 46 -12.50 8.34 5.22
CA VAL B 46 -12.14 9.74 5.05
C VAL B 46 -12.61 10.52 6.27
N ASN B 47 -12.01 11.69 6.46
CA ASN B 47 -12.50 12.65 7.46
C ASN B 47 -13.64 13.45 6.85
N VAL B 48 -14.87 13.12 7.25
CA VAL B 48 -16.04 13.77 6.67
C VAL B 48 -15.94 15.29 6.78
N ARG B 49 -15.39 15.78 7.89
CA ARG B 49 -15.43 17.20 8.18
C ARG B 49 -14.74 18.04 7.11
N ALA B 50 -13.81 17.46 6.34
CA ALA B 50 -13.16 18.19 5.27
C ALA B 50 -13.86 18.06 3.92
N VAL B 51 -14.86 17.18 3.82
CA VAL B 51 -15.54 16.92 2.55
C VAL B 51 -16.49 18.06 2.25
N ARG B 52 -16.40 18.58 1.02
CA ARG B 52 -17.25 19.66 0.54
C ARG B 52 -18.21 19.13 -0.52
N VAL B 53 -19.49 19.50 -0.40
CA VAL B 53 -20.56 19.09 -1.29
C VAL B 53 -20.79 20.24 -2.26
N VAL B 54 -20.67 19.99 -3.56
CA VAL B 54 -20.75 21.04 -4.58
C VAL B 54 -21.92 20.73 -5.51
N LEU B 55 -22.91 21.64 -5.54
CA LEU B 55 -24.10 21.55 -6.34
C LEU B 55 -24.04 22.56 -7.48
N GLY B 56 -24.77 22.26 -8.55
CA GLY B 56 -24.85 23.15 -9.68
C GLY B 56 -23.57 23.30 -10.47
N ALA B 57 -22.69 22.30 -10.42
CA ALA B 57 -21.44 22.33 -11.18
C ALA B 57 -21.64 21.68 -12.54
N HIS B 58 -20.83 22.11 -13.50
CA HIS B 58 -20.77 21.42 -14.80
C HIS B 58 -19.35 21.18 -15.28
N ASN B 59 -18.48 22.18 -15.19
CA ASN B 59 -17.08 22.07 -15.61
C ASN B 59 -16.22 22.33 -14.38
N LEU B 60 -15.64 21.28 -13.82
CA LEU B 60 -14.89 21.43 -12.58
C LEU B 60 -13.57 22.17 -12.79
N SER B 61 -13.08 22.23 -14.02
CA SER B 61 -11.85 22.96 -14.32
C SER B 61 -12.04 24.47 -14.36
N ARG B 62 -13.28 24.94 -14.53
CA ARG B 62 -13.58 26.36 -14.65
C ARG B 62 -14.21 26.89 -13.38
N ARG B 63 -14.05 28.19 -13.16
CA ARG B 63 -14.72 28.86 -12.06
C ARG B 63 -16.20 29.06 -12.41
N GLU B 64 -17.09 28.72 -11.47
CA GLU B 64 -18.53 28.79 -11.70
C GLU B 64 -19.23 29.38 -10.48
N PRO B 65 -19.58 30.67 -10.52
CA PRO B 65 -20.42 31.23 -9.46
C PRO B 65 -21.80 30.61 -9.38
N THR B 66 -22.22 29.88 -10.42
CA THR B 66 -23.47 29.13 -10.34
C THR B 66 -23.46 28.13 -9.19
N ARG B 67 -22.27 27.67 -8.80
CA ARG B 67 -22.17 26.57 -7.85
C ARG B 67 -22.57 26.98 -6.45
N GLN B 68 -23.13 26.02 -5.71
CA GLN B 68 -23.34 26.14 -4.27
C GLN B 68 -22.46 25.11 -3.57
N VAL B 69 -21.89 25.48 -2.43
CA VAL B 69 -20.99 24.59 -1.70
C VAL B 69 -21.43 24.51 -0.24
N PHE B 70 -21.42 23.28 0.30
CA PHE B 70 -21.89 23.00 1.65
C PHE B 70 -20.92 22.03 2.32
N ALA B 71 -20.82 22.11 3.64
CA ALA B 71 -20.08 21.10 4.39
C ALA B 71 -21.05 20.02 4.89
N VAL B 72 -20.47 18.94 5.42
CA VAL B 72 -21.24 17.78 5.87
C VAL B 72 -21.44 17.89 7.38
N GLN B 73 -22.71 17.88 7.81
CA GLN B 73 -23.12 17.99 9.20
C GLN B 73 -23.16 16.63 9.89
N ARG B 74 -23.67 15.60 9.22
CA ARG B 74 -23.86 14.28 9.80
C ARG B 74 -24.10 13.29 8.67
N ILE B 75 -23.83 12.02 8.93
CA ILE B 75 -24.08 10.98 7.94
C ILE B 75 -25.01 9.93 8.53
N PHE B 76 -25.63 9.17 7.63
CA PHE B 76 -26.60 8.14 7.99
C PHE B 76 -26.42 6.98 7.03
N GLU B 77 -26.03 5.82 7.55
CA GLU B 77 -25.81 4.63 6.74
C GLU B 77 -26.62 3.48 7.33
N ASN B 78 -26.90 2.49 6.48
CA ASN B 78 -27.66 1.30 6.87
C ASN B 78 -26.88 0.07 6.47
N GLY B 79 -25.92 -0.30 7.31
CA GLY B 79 -25.24 -1.58 7.22
C GLY B 79 -24.34 -1.81 6.03
N TYR B 80 -23.59 -0.80 5.59
CA TYR B 80 -22.57 -1.01 4.57
C TYR B 80 -21.66 -2.16 4.99
N ASP B 81 -21.50 -3.14 4.09
CA ASP B 81 -20.65 -4.30 4.33
C ASP B 81 -19.48 -4.25 3.37
N PRO B 82 -18.27 -3.89 3.83
CA PRO B 82 -17.16 -3.70 2.88
C PRO B 82 -16.65 -4.99 2.26
N VAL B 83 -16.82 -6.14 2.92
CA VAL B 83 -16.26 -7.38 2.39
C VAL B 83 -17.05 -7.85 1.17
N ASN B 84 -18.36 -7.72 1.21
CA ASN B 84 -19.23 -8.19 0.14
C ASN B 84 -19.84 -7.05 -0.67
N LEU B 85 -19.54 -5.80 -0.32
CA LEU B 85 -20.05 -4.63 -1.02
C LEU B 85 -21.58 -4.67 -1.11
N LEU B 86 -22.22 -4.80 0.06
CA LEU B 86 -23.67 -4.77 0.20
C LEU B 86 -24.08 -3.53 0.97
N ASN B 87 -25.23 -2.96 0.59
CA ASN B 87 -25.80 -1.81 1.30
C ASN B 87 -24.91 -0.57 1.16
N ASP B 88 -24.44 -0.34 -0.07
CA ASP B 88 -23.41 0.66 -0.32
C ASP B 88 -24.05 2.02 -0.57
N ILE B 89 -24.71 2.53 0.46
CA ILE B 89 -25.46 3.77 0.38
C ILE B 89 -25.25 4.56 1.65
N VAL B 90 -25.17 5.89 1.50
CA VAL B 90 -25.08 6.81 2.63
C VAL B 90 -25.88 8.06 2.31
N ILE B 91 -26.45 8.67 3.36
CA ILE B 91 -27.07 9.99 3.26
C ILE B 91 -26.24 10.97 4.06
N LEU B 92 -25.93 12.11 3.45
CA LEU B 92 -25.17 13.17 4.07
C LEU B 92 -26.10 14.37 4.29
N GLN B 93 -26.21 14.80 5.54
CA GLN B 93 -26.88 16.06 5.86
C GLN B 93 -25.89 17.21 5.72
N LEU B 94 -26.36 18.30 5.15
CA LEU B 94 -25.50 19.43 4.84
C LEU B 94 -25.54 20.46 5.97
N ASN B 95 -24.60 21.41 5.91
CA ASN B 95 -24.53 22.53 6.85
C ASN B 95 -25.42 23.69 6.41
N GLY B 96 -26.47 23.39 5.67
CA GLY B 96 -27.34 24.40 5.10
C GLY B 96 -28.38 23.73 4.22
N SER B 97 -29.13 24.56 3.50
CA SER B 97 -30.09 24.07 2.51
C SER B 97 -29.81 24.73 1.16
N ALA B 98 -29.92 23.94 0.11
CA ALA B 98 -29.70 24.45 -1.25
C ALA B 98 -30.83 25.37 -1.66
N THR B 99 -30.48 26.42 -2.41
CA THR B 99 -31.45 27.31 -3.03
C THR B 99 -31.82 26.73 -4.39
N ILE B 100 -33.04 26.18 -4.50
CA ILE B 100 -33.46 25.51 -5.72
C ILE B 100 -33.62 26.54 -6.84
N ASN B 101 -33.00 26.27 -7.98
CA ASN B 101 -32.98 27.25 -9.06
C ASN B 101 -32.67 26.57 -10.39
N ALA B 102 -32.26 27.37 -11.39
CA ALA B 102 -32.00 26.85 -12.72
C ALA B 102 -30.85 25.86 -12.76
N ASN B 103 -29.91 25.97 -11.81
CA ASN B 103 -28.75 25.09 -11.78
C ASN B 103 -28.87 23.95 -10.78
N VAL B 104 -29.74 24.08 -9.77
CA VAL B 104 -29.81 23.14 -8.66
C VAL B 104 -31.27 22.75 -8.42
N GLN B 105 -31.54 21.45 -8.42
CA GLN B 105 -32.86 20.93 -8.11
C GLN B 105 -32.76 19.56 -7.46
N VAL B 106 -33.74 19.25 -6.62
CA VAL B 106 -33.81 17.98 -5.91
C VAL B 106 -34.22 16.87 -6.87
N ALA B 107 -33.51 15.75 -6.83
CA ALA B 107 -33.82 14.62 -7.69
C ALA B 107 -35.14 13.96 -7.24
N GLN B 108 -35.56 12.97 -8.02
CA GLN B 108 -36.79 12.23 -7.76
C GLN B 108 -36.48 10.75 -7.65
N LEU B 109 -37.03 10.08 -6.64
CA LEU B 109 -36.67 8.71 -6.31
C LEU B 109 -37.82 7.73 -6.56
N PRO B 110 -37.51 6.46 -6.85
CA PRO B 110 -38.56 5.47 -7.10
C PRO B 110 -39.16 4.93 -5.80
N ALA B 111 -40.12 4.03 -5.95
CA ALA B 111 -40.88 3.50 -4.83
C ALA B 111 -40.20 2.27 -4.24
N GLN B 112 -40.36 2.09 -2.92
CA GLN B 112 -39.79 0.95 -2.22
C GLN B 112 -40.17 -0.36 -2.88
N GLY B 113 -39.17 -1.19 -3.19
CA GLY B 113 -39.40 -2.49 -3.76
C GLY B 113 -39.44 -2.55 -5.27
N ARG B 114 -39.47 -1.40 -5.94
CA ARG B 114 -39.47 -1.38 -7.41
C ARG B 114 -38.16 -1.96 -7.94
N ARG B 115 -38.28 -2.89 -8.89
CA ARG B 115 -37.12 -3.52 -9.52
C ARG B 115 -37.24 -3.36 -11.02
N LEU B 116 -36.21 -2.79 -11.65
CA LEU B 116 -36.19 -2.70 -13.10
C LEU B 116 -35.69 -4.02 -13.69
N GLY B 117 -36.12 -4.29 -14.92
CA GLY B 117 -35.86 -5.56 -15.57
C GLY B 117 -34.80 -5.46 -16.66
N ASN B 118 -34.45 -6.64 -17.19
CA ASN B 118 -33.48 -6.71 -18.27
C ASN B 118 -33.95 -5.91 -19.47
N GLY B 119 -33.04 -5.12 -20.04
CA GLY B 119 -33.33 -4.32 -21.21
C GLY B 119 -33.75 -2.90 -20.91
N VAL B 120 -34.17 -2.60 -19.68
CA VAL B 120 -34.56 -1.25 -19.34
C VAL B 120 -33.42 -0.29 -19.72
N GLN B 121 -33.79 0.83 -20.33
CA GLN B 121 -32.82 1.82 -20.81
C GLN B 121 -32.65 2.90 -19.73
N CYS B 122 -31.42 3.10 -19.29
CA CYS B 122 -31.10 4.05 -18.23
C CYS B 122 -29.93 4.92 -18.66
N LEU B 123 -29.59 5.90 -17.83
CA LEU B 123 -28.47 6.79 -18.08
C LEU B 123 -27.60 6.88 -16.84
N ALA B 124 -26.30 6.73 -17.02
CA ALA B 124 -25.34 6.96 -15.96
C ALA B 124 -24.69 8.33 -16.20
N MET B 125 -24.05 8.85 -15.15
CA MET B 125 -23.35 10.13 -15.28
C MET B 125 -22.32 10.27 -14.16
N GLY B 126 -21.31 11.10 -14.41
CA GLY B 126 -20.33 11.39 -13.38
C GLY B 126 -19.12 12.11 -13.93
N TRP B 127 -18.22 12.47 -13.00
CA TRP B 127 -16.96 13.14 -13.31
C TRP B 127 -15.76 12.22 -13.16
N GLY B 128 -15.95 10.91 -13.25
CA GLY B 128 -14.86 9.98 -13.08
C GLY B 128 -13.87 10.03 -14.24
N LEU B 129 -12.96 9.07 -14.22
CA LEU B 129 -11.95 9.00 -15.27
C LEU B 129 -12.60 8.78 -16.63
N LEU B 130 -11.98 9.36 -17.66
CA LEU B 130 -12.46 9.26 -19.04
C LEU B 130 -11.89 8.05 -19.78
N GLY B 131 -10.90 7.36 -19.23
CA GLY B 131 -10.42 6.12 -19.82
C GLY B 131 -9.18 6.26 -20.67
N ARG B 132 -8.32 5.25 -20.63
CA ARG B 132 -7.10 5.23 -21.42
C ARG B 132 -6.27 6.49 -21.21
N ASN B 133 -5.94 6.73 -19.94
CA ASN B 133 -5.00 7.77 -19.54
C ASN B 133 -5.42 9.16 -19.99
N ARG B 134 -6.72 9.35 -20.28
CA ARG B 134 -7.23 10.70 -20.51
C ARG B 134 -7.39 11.46 -19.20
N GLY B 135 -7.50 10.77 -18.07
CA GLY B 135 -7.62 11.40 -16.78
C GLY B 135 -9.05 11.69 -16.40
N ILE B 136 -9.18 12.34 -15.23
CA ILE B 136 -10.51 12.61 -14.68
C ILE B 136 -11.22 13.65 -15.54
N ALA B 137 -12.55 13.56 -15.59
CA ALA B 137 -13.33 14.44 -16.43
C ALA B 137 -13.42 15.82 -15.79
N SER B 138 -13.25 16.86 -16.62
CA SER B 138 -13.52 18.22 -16.17
C SER B 138 -15.02 18.52 -16.24
N VAL B 139 -15.65 18.15 -17.36
CA VAL B 139 -17.06 18.41 -17.59
C VAL B 139 -17.83 17.12 -17.38
N LEU B 140 -18.96 17.22 -16.68
CA LEU B 140 -19.76 16.05 -16.34
C LEU B 140 -20.10 15.23 -17.58
N GLN B 141 -19.97 13.91 -17.45
CA GLN B 141 -20.22 12.97 -18.53
C GLN B 141 -21.51 12.20 -18.27
N GLU B 142 -22.18 11.78 -19.36
CA GLU B 142 -23.37 10.93 -19.28
C GLU B 142 -23.26 9.80 -20.30
N LEU B 143 -23.90 8.67 -19.99
CA LEU B 143 -23.74 7.45 -20.77
C LEU B 143 -25.04 6.63 -20.77
N ASN B 144 -25.53 6.29 -21.96
CA ASN B 144 -26.67 5.38 -22.04
C ASN B 144 -26.26 3.95 -21.67
N VAL B 145 -27.03 3.33 -20.76
CA VAL B 145 -26.74 1.98 -20.28
C VAL B 145 -28.02 1.15 -20.35
N THR B 146 -27.84 -0.18 -20.34
CA THR B 146 -28.96 -1.11 -20.31
C THR B 146 -28.83 -2.01 -19.08
N VAL B 147 -29.92 -2.17 -18.34
CA VAL B 147 -29.91 -3.06 -17.18
C VAL B 147 -29.77 -4.50 -17.65
N VAL B 148 -28.87 -5.25 -17.02
CA VAL B 148 -28.69 -6.67 -17.29
C VAL B 148 -28.85 -7.45 -16.00
N THR B 149 -28.96 -8.78 -16.14
CA THR B 149 -29.10 -9.69 -15.02
C THR B 149 -28.00 -10.74 -14.97
N SER B 150 -27.40 -11.09 -16.10
CA SER B 150 -26.31 -12.06 -16.10
C SER B 150 -25.10 -11.50 -15.35
N LEU B 151 -24.34 -12.41 -14.74
CA LEU B 151 -23.15 -12.06 -13.95
C LEU B 151 -23.46 -10.98 -12.91
N CYS B 152 -24.71 -10.92 -12.46
CA CYS B 152 -25.14 -9.99 -11.43
C CYS B 152 -25.71 -10.77 -10.26
N ARG B 153 -25.71 -10.14 -9.09
CA ARG B 153 -26.39 -10.65 -7.91
C ARG B 153 -27.58 -9.75 -7.58
N ARG B 154 -28.62 -10.33 -7.00
CA ARG B 154 -29.84 -9.57 -6.74
C ARG B 154 -29.60 -8.39 -5.81
N SER B 155 -28.52 -8.42 -5.02
CA SER B 155 -28.25 -7.32 -4.10
C SER B 155 -27.87 -6.04 -4.82
N ASN B 156 -27.74 -6.07 -6.15
CA ASN B 156 -27.33 -4.92 -6.93
C ASN B 156 -28.23 -4.75 -8.15
N VAL B 157 -28.21 -3.54 -8.70
CA VAL B 157 -28.70 -3.28 -10.04
C VAL B 157 -27.48 -3.23 -10.95
N CYS B 158 -27.43 -4.06 -11.98
CA CYS B 158 -26.26 -4.12 -12.84
C CYS B 158 -26.58 -3.61 -14.23
N THR B 159 -25.59 -2.97 -14.83
CA THR B 159 -25.75 -2.30 -16.11
C THR B 159 -24.65 -2.73 -17.07
N LEU B 160 -24.92 -2.55 -18.35
CA LEU B 160 -23.96 -2.92 -19.39
C LEU B 160 -24.26 -2.06 -20.61
N VAL B 161 -23.21 -1.52 -21.21
CA VAL B 161 -23.32 -0.83 -22.50
C VAL B 161 -23.02 -1.91 -23.53
N ARG B 162 -24.07 -2.60 -23.96
CA ARG B 162 -23.88 -3.70 -24.88
C ARG B 162 -23.35 -3.19 -26.20
N GLY B 163 -22.42 -3.96 -26.78
CA GLY B 163 -21.91 -3.70 -28.11
C GLY B 163 -20.61 -2.92 -28.16
N ARG B 164 -20.20 -2.30 -27.05
CA ARG B 164 -18.98 -1.50 -27.05
C ARG B 164 -18.40 -1.45 -25.64
N GLN B 165 -17.12 -1.08 -25.57
CA GLN B 165 -16.42 -0.95 -24.29
C GLN B 165 -16.69 0.46 -23.75
N ALA B 166 -17.60 0.55 -22.77
CA ALA B 166 -17.88 1.79 -22.08
C ALA B 166 -18.53 1.42 -20.75
N GLY B 167 -18.59 2.40 -19.86
CA GLY B 167 -19.22 2.21 -18.56
C GLY B 167 -18.68 3.21 -17.57
N VAL B 168 -19.01 2.98 -16.30
CA VAL B 168 -18.57 3.87 -15.24
C VAL B 168 -17.11 3.58 -14.91
N CYS B 169 -16.43 4.57 -14.34
CA CYS B 169 -15.02 4.40 -13.99
C CYS B 169 -14.76 5.14 -12.69
N PHE B 170 -13.48 5.18 -12.30
CA PHE B 170 -13.13 5.66 -10.97
C PHE B 170 -13.37 7.16 -10.86
N GLY B 171 -13.99 7.55 -9.74
CA GLY B 171 -14.55 8.87 -9.58
C GLY B 171 -16.04 8.93 -9.82
N ASP B 172 -16.64 7.84 -10.32
CA ASP B 172 -18.08 7.80 -10.56
C ASP B 172 -18.88 7.14 -9.43
N SER B 173 -18.22 6.43 -8.50
CA SER B 173 -18.96 5.85 -7.39
C SER B 173 -19.84 6.91 -6.74
N GLY B 174 -21.05 6.52 -6.38
CA GLY B 174 -22.00 7.42 -5.75
C GLY B 174 -22.84 8.23 -6.69
N SER B 175 -22.45 8.33 -7.97
CA SER B 175 -23.26 9.01 -8.96
C SER B 175 -24.54 8.21 -9.21
N PRO B 176 -25.60 8.88 -9.67
CA PRO B 176 -26.89 8.18 -9.86
C PRO B 176 -26.98 7.49 -11.22
N LEU B 177 -27.85 6.47 -11.23
CA LEU B 177 -28.19 5.74 -12.45
C LEU B 177 -29.47 6.21 -13.11
N VAL B 178 -30.30 6.97 -12.40
CA VAL B 178 -31.58 7.45 -12.94
C VAL B 178 -32.32 6.26 -13.55
N CYS B 179 -33.03 6.47 -14.67
CA CYS B 179 -33.61 5.44 -15.52
C CYS B 179 -34.88 5.99 -16.19
N ASN B 180 -36.02 5.90 -15.52
CA ASN B 180 -37.24 6.52 -16.04
C ASN B 180 -37.43 7.91 -15.43
N GLY B 181 -36.38 8.72 -15.45
CA GLY B 181 -36.40 9.94 -14.68
C GLY B 181 -36.36 9.72 -13.18
N LEU B 182 -36.17 8.47 -12.74
CA LEU B 182 -36.13 8.12 -11.33
C LEU B 182 -34.74 7.57 -11.00
N ILE B 183 -34.17 8.04 -9.89
CA ILE B 183 -32.82 7.63 -9.49
C ILE B 183 -32.91 6.23 -8.89
N HIS B 184 -32.56 5.20 -9.68
CA HIS B 184 -32.66 3.81 -9.26
C HIS B 184 -31.34 3.22 -8.79
N GLY B 185 -30.21 3.88 -9.06
CA GLY B 185 -28.93 3.32 -8.71
C GLY B 185 -27.97 4.38 -8.21
N ILE B 186 -27.00 3.90 -7.43
CA ILE B 186 -25.85 4.66 -6.98
C ILE B 186 -24.63 3.82 -7.33
N ALA B 187 -23.74 4.35 -8.17
CA ALA B 187 -22.58 3.58 -8.62
C ALA B 187 -21.83 3.01 -7.41
N SER B 188 -21.55 1.70 -7.47
CA SER B 188 -20.89 1.02 -6.35
C SER B 188 -19.57 0.36 -6.75
N PHE B 189 -19.55 -0.53 -7.74
CA PHE B 189 -18.26 -1.12 -8.09
C PHE B 189 -18.20 -1.68 -9.50
N VAL B 190 -16.97 -1.84 -9.98
CA VAL B 190 -16.69 -2.45 -11.27
C VAL B 190 -15.96 -3.77 -11.03
N ARG B 191 -15.80 -4.54 -12.10
CA ARG B 191 -15.10 -5.81 -12.05
C ARG B 191 -14.08 -5.88 -13.17
N GLY B 192 -12.87 -6.33 -12.84
CA GLY B 192 -11.79 -6.41 -13.79
C GLY B 192 -11.11 -5.07 -14.02
N GLY B 193 -11.93 -4.04 -14.13
CA GLY B 193 -11.49 -2.74 -14.59
C GLY B 193 -12.63 -2.06 -15.31
N CYS B 194 -12.46 -0.77 -15.56
CA CYS B 194 -13.52 0.00 -16.17
C CYS B 194 -13.74 -0.43 -17.63
N ALA B 195 -14.97 -0.30 -18.09
CA ALA B 195 -15.30 -0.51 -19.50
C ALA B 195 -14.73 -1.82 -20.00
N SER B 196 -14.87 -2.87 -19.19
CA SER B 196 -14.39 -4.18 -19.59
C SER B 196 -15.08 -4.62 -20.88
N GLY B 197 -16.34 -4.29 -21.04
CA GLY B 197 -17.12 -4.79 -22.16
C GLY B 197 -17.60 -6.21 -21.98
N LEU B 198 -17.28 -6.83 -20.84
CA LEU B 198 -17.68 -8.21 -20.57
C LEU B 198 -18.25 -8.39 -19.18
N TYR B 199 -17.98 -7.48 -18.24
CA TYR B 199 -18.50 -7.52 -16.88
C TYR B 199 -19.44 -6.35 -16.67
N PRO B 200 -20.62 -6.58 -16.10
CA PRO B 200 -21.53 -5.45 -15.81
C PRO B 200 -21.00 -4.58 -14.68
N ASP B 201 -21.42 -3.31 -14.70
CA ASP B 201 -21.17 -2.41 -13.58
C ASP B 201 -22.24 -2.63 -12.52
N ALA B 202 -21.87 -2.53 -11.24
CA ALA B 202 -22.77 -2.81 -10.13
C ALA B 202 -23.14 -1.52 -9.40
N PHE B 203 -24.44 -1.28 -9.29
CA PHE B 203 -25.05 -0.12 -8.66
C PHE B 203 -25.75 -0.58 -7.39
N ALA B 204 -25.69 0.27 -6.36
CA ALA B 204 -26.52 0.06 -5.18
C ALA B 204 -27.98 0.20 -5.58
N PRO B 205 -28.86 -0.75 -5.19
CA PRO B 205 -30.27 -0.70 -5.62
C PRO B 205 -31.15 0.25 -4.82
N VAL B 206 -31.22 1.52 -5.24
CA VAL B 206 -31.88 2.56 -4.44
C VAL B 206 -33.30 2.17 -4.06
N ALA B 207 -34.00 1.45 -4.94
CA ALA B 207 -35.39 1.08 -4.66
C ALA B 207 -35.50 0.07 -3.53
N GLN B 208 -34.39 -0.42 -2.99
CA GLN B 208 -34.42 -1.33 -1.85
C GLN B 208 -34.21 -0.62 -0.52
N PHE B 209 -33.90 0.68 -0.53
CA PHE B 209 -33.65 1.44 0.68
C PHE B 209 -34.56 2.66 0.81
N VAL B 210 -35.65 2.71 0.03
CA VAL B 210 -36.47 3.93 -0.03
C VAL B 210 -37.04 4.28 1.35
N ASN B 211 -37.49 3.25 2.09
CA ASN B 211 -38.08 3.48 3.41
C ASN B 211 -37.10 4.22 4.33
N TRP B 212 -35.85 3.74 4.43
CA TRP B 212 -34.90 4.37 5.33
C TRP B 212 -34.59 5.81 4.90
N ILE B 213 -34.45 6.03 3.59
CA ILE B 213 -34.14 7.37 3.12
C ILE B 213 -35.23 8.35 3.55
N ASP B 214 -36.49 7.98 3.35
CA ASP B 214 -37.56 8.86 3.82
C ASP B 214 -37.55 8.98 5.34
N SER B 215 -37.18 7.91 6.05
CA SER B 215 -37.04 8.00 7.49
C SER B 215 -35.99 9.02 7.89
N ILE B 216 -35.05 9.33 6.99
CA ILE B 216 -34.03 10.34 7.27
C ILE B 216 -34.47 11.74 6.84
N ILE B 217 -34.94 11.90 5.59
CA ILE B 217 -35.20 13.23 5.03
C ILE B 217 -36.66 13.66 5.12
N GLN B 218 -37.59 12.72 5.29
CA GLN B 218 -39.03 13.00 5.35
C GLN B 218 -39.46 14.25 4.59
N ALA C 15 10.41 13.48 -12.24
CA ALA C 15 10.21 14.87 -12.64
C ALA C 15 9.10 15.52 -11.81
N LYS C 16 8.69 14.87 -10.73
CA LYS C 16 7.66 15.40 -9.85
C LYS C 16 7.77 14.71 -8.49
N GLU C 17 7.28 15.40 -7.46
CA GLU C 17 7.45 14.94 -6.09
C GLU C 17 6.67 13.66 -5.82
N MET C 18 7.16 12.88 -4.87
CA MET C 18 6.54 11.61 -4.50
C MET C 18 6.41 11.48 -2.98
N GLN C 19 5.30 10.90 -2.56
CA GLN C 19 5.04 10.47 -1.19
C GLN C 19 5.64 9.08 -0.95
N ASN C 20 6.23 8.89 0.23
CA ASN C 20 6.91 7.63 0.58
C ASN C 20 6.11 6.91 1.66
N VAL C 21 5.39 5.87 1.27
CA VAL C 21 4.48 5.15 2.16
C VAL C 21 5.20 3.91 2.67
N PRO C 22 5.37 3.75 3.98
CA PRO C 22 5.97 2.49 4.45
C PRO C 22 5.06 1.30 4.12
N TYR C 23 5.69 0.17 3.82
CA TYR C 23 4.95 -1.06 3.63
C TYR C 23 5.75 -2.24 4.17
N THR C 24 5.04 -3.33 4.43
CA THR C 24 5.69 -4.57 4.81
C THR C 24 5.09 -5.71 4.01
N ILE C 25 5.88 -6.74 3.73
CA ILE C 25 5.41 -7.93 3.04
C ILE C 25 5.77 -9.14 3.88
N ALA C 26 4.77 -9.98 4.17
CA ALA C 26 4.98 -11.27 4.80
C ALA C 26 4.38 -12.33 3.88
N VAL C 27 5.17 -13.36 3.57
CA VAL C 27 4.72 -14.51 2.78
C VAL C 27 5.05 -15.77 3.56
N ASP C 28 4.05 -16.60 3.81
CA ASP C 28 4.24 -17.85 4.55
C ASP C 28 4.97 -17.60 5.88
N GLY C 29 4.62 -16.49 6.53
CA GLY C 29 5.19 -16.17 7.83
C GLY C 29 6.63 -15.73 7.83
N ILE C 30 7.17 -15.29 6.69
CA ILE C 30 8.53 -14.79 6.60
C ILE C 30 8.44 -13.33 6.16
N MET C 31 9.11 -12.44 6.89
CA MET C 31 9.20 -11.04 6.50
C MET C 31 10.68 -10.63 6.50
N ALA C 32 11.15 -10.10 5.39
CA ALA C 32 12.50 -9.55 5.34
C ALA C 32 12.58 -8.35 6.29
N PHE C 33 13.75 -8.14 6.89
CA PHE C 33 13.91 -7.07 7.86
C PHE C 33 14.52 -5.79 7.28
N ASN C 34 14.25 -5.47 6.01
CA ASN C 34 14.53 -4.11 5.55
C ASN C 34 13.39 -3.18 6.01
N GLN C 35 13.58 -1.90 5.78
CA GLN C 35 12.55 -0.89 6.08
C GLN C 35 12.26 -0.23 4.74
N SER C 36 11.11 -0.53 4.14
CA SER C 36 10.87 -0.10 2.77
C SER C 36 9.64 0.80 2.62
N TYR C 37 9.67 1.57 1.52
CA TYR C 37 8.69 2.59 1.23
C TYR C 37 8.28 2.55 -0.24
N LEU C 38 6.99 2.70 -0.48
CA LEU C 38 6.40 2.76 -1.80
C LEU C 38 6.19 4.21 -2.23
N ASN C 39 6.64 4.55 -3.43
CA ASN C 39 6.41 5.89 -3.96
C ASN C 39 5.00 6.01 -4.53
N LEU C 40 4.33 7.09 -4.20
CA LEU C 40 3.07 7.47 -4.81
C LEU C 40 3.20 8.92 -5.26
N PRO C 41 2.68 9.31 -6.41
CA PRO C 41 2.80 10.71 -6.82
C PRO C 41 2.10 11.59 -5.80
N LYS C 42 2.81 12.59 -5.30
CA LYS C 42 2.28 13.40 -4.20
C LYS C 42 1.11 14.24 -4.68
N ASP C 43 0.18 14.51 -3.77
CA ASP C 43 -0.96 15.37 -4.07
C ASP C 43 -1.75 14.84 -5.25
N SER C 44 -1.83 13.51 -5.33
CA SER C 44 -2.50 12.82 -6.42
C SER C 44 -3.72 12.07 -5.92
N GLN C 45 -4.52 11.58 -6.86
CA GLN C 45 -5.67 10.74 -6.58
C GLN C 45 -5.46 9.40 -7.24
N LEU C 46 -5.87 8.32 -6.57
CA LEU C 46 -5.65 6.97 -7.05
C LEU C 46 -6.90 6.12 -6.86
N SER C 47 -7.02 5.07 -7.69
CA SER C 47 -8.08 4.08 -7.60
C SER C 47 -7.57 2.84 -6.91
N TYR C 48 -8.50 1.99 -6.47
CA TYR C 48 -8.09 0.70 -5.92
C TYR C 48 -7.50 -0.23 -6.98
N LEU C 49 -7.85 -0.03 -8.25
CA LEU C 49 -7.18 -0.79 -9.30
C LEU C 49 -5.71 -0.37 -9.40
N ASP C 50 -5.46 0.94 -9.39
CA ASP C 50 -4.08 1.44 -9.44
C ASP C 50 -3.25 0.89 -8.28
N LEU C 51 -3.75 1.05 -7.06
CA LEU C 51 -2.97 0.66 -5.89
C LEU C 51 -2.83 -0.85 -5.81
N GLY C 52 -3.89 -1.58 -6.12
CA GLY C 52 -3.78 -3.04 -6.13
C GLY C 52 -2.73 -3.53 -7.12
N ASN C 53 -2.67 -2.89 -8.30
CA ASN C 53 -1.67 -3.24 -9.30
C ASN C 53 -0.26 -2.94 -8.78
N LYS C 54 -0.08 -1.81 -8.09
CA LYS C 54 1.22 -1.51 -7.51
C LYS C 54 1.61 -2.55 -6.46
N VAL C 55 0.63 -3.00 -5.67
CA VAL C 55 0.89 -4.03 -4.65
C VAL C 55 1.28 -5.34 -5.30
N LYS C 56 0.57 -5.75 -6.35
CA LYS C 56 0.95 -6.97 -7.05
C LYS C 56 2.37 -6.86 -7.62
N ALA C 57 2.71 -5.68 -8.17
CA ALA C 57 4.05 -5.50 -8.73
C ALA C 57 5.10 -5.61 -7.64
N LEU C 58 4.82 -5.02 -6.48
CA LEU C 58 5.76 -5.13 -5.35
C LEU C 58 5.90 -6.57 -4.89
N LEU C 59 4.79 -7.29 -4.75
CA LEU C 59 4.85 -8.69 -4.36
C LEU C 59 5.76 -9.48 -5.29
N TYR C 60 5.63 -9.26 -6.60
CA TYR C 60 6.48 -9.99 -7.53
C TYR C 60 7.94 -9.54 -7.44
N ASP C 61 8.19 -8.24 -7.52
CA ASP C 61 9.59 -7.76 -7.62
C ASP C 61 10.33 -7.95 -6.31
N GLU C 62 9.63 -7.93 -5.17
CA GLU C 62 10.29 -8.08 -3.87
C GLU C 62 10.33 -9.51 -3.37
N ARG C 63 9.30 -10.29 -3.63
CA ARG C 63 9.22 -11.62 -3.05
C ARG C 63 8.84 -12.68 -4.08
N GLY C 64 8.85 -12.36 -5.38
CA GLY C 64 8.63 -13.35 -6.41
C GLY C 64 7.24 -13.95 -6.42
N VAL C 65 6.29 -13.31 -5.75
CA VAL C 65 4.93 -13.82 -5.66
C VAL C 65 4.22 -13.51 -6.97
N THR C 66 3.75 -14.54 -7.66
CA THR C 66 3.13 -14.38 -8.97
C THR C 66 1.63 -14.24 -8.88
N PRO C 67 0.97 -13.80 -9.95
CA PRO C 67 -0.51 -13.84 -9.97
C PRO C 67 -1.07 -15.22 -9.73
N GLU C 68 -0.42 -16.23 -10.28
CA GLU C 68 -0.86 -17.62 -10.09
C GLU C 68 -0.77 -18.01 -8.61
N LYS C 69 0.31 -17.62 -7.93
CA LYS C 69 0.45 -17.91 -6.50
C LYS C 69 -0.66 -17.22 -5.71
N ILE C 70 -0.95 -15.95 -6.03
CA ILE C 70 -2.03 -15.26 -5.34
C ILE C 70 -3.34 -16.00 -5.53
N ARG C 71 -3.56 -16.55 -6.73
CA ARG C 71 -4.81 -17.27 -6.97
C ARG C 71 -4.88 -18.55 -6.15
N ASN C 72 -3.79 -19.32 -6.12
CA ASN C 72 -3.83 -20.58 -5.40
C ASN C 72 -3.60 -20.43 -3.91
N ALA C 73 -3.31 -19.22 -3.41
CA ALA C 73 -2.98 -19.08 -2.00
C ALA C 73 -4.20 -19.30 -1.13
N LYS C 74 -3.95 -19.74 0.11
CA LYS C 74 -5.02 -19.80 1.08
C LYS C 74 -5.62 -18.41 1.30
N SER C 75 -4.77 -17.40 1.39
CA SER C 75 -5.23 -16.05 1.60
C SER C 75 -4.20 -15.08 1.05
N ALA C 76 -4.67 -13.99 0.48
CA ALA C 76 -3.76 -12.98 -0.09
C ALA C 76 -4.45 -11.63 0.08
N VAL C 77 -3.92 -10.78 0.96
CA VAL C 77 -4.58 -9.53 1.30
C VAL C 77 -3.54 -8.44 1.48
N TYR C 78 -3.98 -7.20 1.37
CA TYR C 78 -3.20 -6.10 1.89
C TYR C 78 -4.12 -5.20 2.68
N THR C 79 -3.57 -4.55 3.68
CA THR C 79 -4.37 -3.71 4.57
C THR C 79 -3.81 -2.30 4.51
N ILE C 80 -4.66 -1.34 4.13
CA ILE C 80 -4.29 0.06 4.13
C ILE C 80 -4.64 0.64 5.48
N THR C 81 -3.70 1.31 6.12
CA THR C 81 -3.97 2.13 7.29
C THR C 81 -4.00 3.58 6.83
N TRP C 82 -5.14 4.25 7.02
CA TRP C 82 -5.29 5.61 6.54
C TRP C 82 -4.84 6.62 7.58
N LYS C 83 -4.57 7.83 7.11
CA LYS C 83 -4.20 8.93 7.99
C LYS C 83 -5.24 9.18 9.07
N ASP C 84 -6.53 8.97 8.75
CA ASP C 84 -7.57 9.16 9.75
C ASP C 84 -7.55 8.06 10.82
N GLY C 85 -6.81 6.98 10.59
CA GLY C 85 -6.73 5.89 11.53
C GLY C 85 -7.60 4.69 11.21
N SER C 86 -8.50 4.79 10.22
CA SER C 86 -9.27 3.64 9.78
C SER C 86 -8.41 2.71 8.94
N LYS C 87 -8.95 1.53 8.63
CA LYS C 87 -8.24 0.54 7.84
C LYS C 87 -9.16 -0.08 6.81
N LYS C 88 -8.56 -0.57 5.73
CA LYS C 88 -9.31 -1.21 4.64
C LYS C 88 -8.52 -2.44 4.21
N GLU C 89 -9.11 -3.62 4.39
CA GLU C 89 -8.49 -4.86 3.95
C GLU C 89 -8.98 -5.17 2.54
N VAL C 90 -8.03 -5.35 1.64
CA VAL C 90 -8.30 -5.61 0.23
C VAL C 90 -7.89 -7.03 -0.06
N ASP C 91 -8.82 -7.81 -0.63
CA ASP C 91 -8.56 -9.20 -1.00
C ASP C 91 -8.00 -9.22 -2.42
N LEU C 92 -6.71 -9.56 -2.54
CA LEU C 92 -6.06 -9.55 -3.84
C LEU C 92 -6.60 -10.63 -4.77
N LYS C 93 -7.32 -11.61 -4.23
CA LYS C 93 -7.90 -12.63 -5.10
C LYS C 93 -9.20 -12.19 -5.74
N LYS C 94 -9.76 -11.07 -5.29
CA LYS C 94 -10.99 -10.54 -5.85
C LYS C 94 -10.71 -9.55 -6.97
N ASP C 95 -11.62 -9.51 -7.94
CA ASP C 95 -11.54 -8.59 -9.06
C ASP C 95 -12.59 -7.49 -8.98
N SER C 96 -13.28 -7.35 -7.84
CA SER C 96 -14.22 -6.24 -7.64
C SER C 96 -13.50 -5.05 -7.02
N TYR C 97 -13.77 -3.86 -7.57
CA TYR C 97 -13.14 -2.61 -7.13
C TYR C 97 -14.21 -1.56 -6.91
N THR C 98 -14.22 -0.94 -5.73
CA THR C 98 -15.10 0.21 -5.55
C THR C 98 -14.70 1.32 -6.51
N ALA C 99 -15.68 2.11 -6.94
CA ALA C 99 -15.51 3.02 -8.08
C ALA C 99 -15.15 4.43 -7.64
N ASN C 100 -14.36 4.56 -6.57
CA ASN C 100 -14.01 5.85 -5.99
C ASN C 100 -12.55 6.19 -6.27
N LEU C 101 -12.20 7.43 -5.95
CA LEU C 101 -10.82 7.91 -5.96
C LEU C 101 -10.43 8.32 -4.55
N PHE C 102 -9.15 8.16 -4.21
CA PHE C 102 -8.69 8.61 -2.90
C PHE C 102 -7.32 9.27 -3.05
N ASP C 103 -6.96 10.03 -2.02
CA ASP C 103 -5.75 10.85 -2.03
C ASP C 103 -4.52 10.04 -1.67
N SER C 104 -3.44 10.21 -2.44
CA SER C 104 -2.18 9.56 -2.08
C SER C 104 -1.69 10.03 -0.72
N ASN C 105 -2.02 11.26 -0.34
CA ASN C 105 -1.54 11.83 0.92
C ASN C 105 -2.21 11.25 2.16
N SER C 106 -3.25 10.43 2.00
CA SER C 106 -4.00 9.93 3.13
C SER C 106 -3.60 8.53 3.58
N ILE C 107 -2.66 7.88 2.91
CA ILE C 107 -2.25 6.54 3.26
C ILE C 107 -1.06 6.63 4.21
N LYS C 108 -1.17 6.03 5.39
CA LYS C 108 -0.12 6.01 6.39
C LYS C 108 0.79 4.78 6.25
N GLN C 109 0.21 3.60 6.05
CA GLN C 109 1.02 2.38 5.89
C GLN C 109 0.25 1.33 5.11
N ILE C 110 0.99 0.42 4.47
CA ILE C 110 0.43 -0.74 3.78
C ILE C 110 1.11 -2.01 4.28
N ASP C 111 0.31 -3.01 4.62
CA ASP C 111 0.81 -4.27 5.16
C ASP C 111 0.26 -5.42 4.31
N ILE C 112 1.15 -6.13 3.63
CA ILE C 112 0.78 -7.17 2.68
C ILE C 112 1.05 -8.52 3.31
N ASN C 113 0.08 -9.42 3.23
CA ASN C 113 0.24 -10.74 3.84
C ASN C 113 -0.33 -11.82 2.93
N VAL C 114 0.52 -12.77 2.53
CA VAL C 114 0.15 -13.86 1.66
C VAL C 114 0.43 -15.18 2.38
N LYS C 115 -0.55 -16.06 2.41
CA LYS C 115 -0.39 -17.37 3.03
C LYS C 115 -0.80 -18.45 2.05
N THR C 116 0.14 -19.38 1.77
CA THR C 116 -0.16 -20.49 0.87
C THR C 116 -0.82 -21.65 1.62
N LYS C 117 -0.42 -21.88 2.87
CA LYS C 117 -1.02 -22.87 3.76
C LYS C 117 -1.43 -24.17 3.08
#